data_3BRB
#
_entry.id   3BRB
#
_cell.length_a   53.385
_cell.length_b   89.880
_cell.length_c   69.537
_cell.angle_alpha   90.00
_cell.angle_beta   103.09
_cell.angle_gamma   90.00
#
_symmetry.space_group_name_H-M   'P 1 21 1'
#
loop_
_entity.id
_entity.type
_entity.pdbx_description
1 polymer 'Proto-oncogene tyrosine-protein kinase MER'
2 non-polymer 'CHLORIDE ION'
3 non-polymer 'MAGNESIUM ION'
4 non-polymer "ADENOSINE-5'-DIPHOSPHATE"
5 non-polymer GLYCEROL
6 water water
#
_entity_poly.entity_id   1
_entity_poly.type   'polypeptide(L)'
_entity_poly.pdbx_seq_one_letter_code
;MGSSHHHHHHSSGLVPRGSEELQNKLEDVVIDRNLLILGKILGEGEFGSVMEGNLKQEDGTSLKVAVKTMKLDNSSQREI
EEFLSEAACMKDFSHPNVIRLLGVCIEMSSQGIPKPMVILPFMKYGDLHTYLLYSRLETGPKHIPLQTLLKFMVDIALGM
EYLSNRNFLHRDLAARNCMLRDDMTVCVADFGLSKKIYSGDYYRQGRIAKMPVKWIAIESLADRVYTSKSDVWAFGVTMW
EIATRGMTPYPGVQNHEMYDYLLHGHRLKQPEDCLDELYEIMYSCWRTDPLDRPTFSVLRLQLEKLLESLPDV
;
_entity_poly.pdbx_strand_id   A,B
#
# COMPACT_ATOMS: atom_id res chain seq x y z
N ASN A 24 -15.39 -8.28 41.02
CA ASN A 24 -16.30 -9.45 41.39
C ASN A 24 -17.51 -9.54 40.44
N LYS A 25 -18.27 -8.45 40.38
CA LYS A 25 -19.50 -8.38 39.59
C LYS A 25 -19.27 -8.52 38.07
N LEU A 26 -18.10 -8.06 37.62
CA LEU A 26 -17.74 -8.09 36.19
C LEU A 26 -17.16 -9.43 35.73
N GLU A 27 -17.77 -10.53 36.17
CA GLU A 27 -17.37 -11.86 35.76
C GLU A 27 -18.40 -12.47 34.81
N ASP A 28 -19.49 -11.74 34.59
CA ASP A 28 -20.51 -12.13 33.62
C ASP A 28 -20.03 -11.89 32.18
N VAL A 29 -18.91 -11.20 32.03
CA VAL A 29 -18.26 -11.02 30.70
C VAL A 29 -17.29 -12.17 30.41
N VAL A 30 -16.95 -12.94 31.43
CA VAL A 30 -16.00 -14.02 31.26
C VAL A 30 -16.65 -15.28 30.72
N ILE A 31 -16.00 -15.86 29.72
CA ILE A 31 -16.42 -17.11 29.14
C ILE A 31 -15.49 -18.23 29.61
N ASP A 32 -16.08 -19.33 30.05
CA ASP A 32 -15.32 -20.53 30.37
C ASP A 32 -14.51 -21.01 29.15
N ARG A 33 -13.19 -21.12 29.35
CA ARG A 33 -12.24 -21.53 28.29
C ARG A 33 -12.63 -22.79 27.51
N ASN A 34 -13.09 -23.82 28.21
CA ASN A 34 -13.46 -25.07 27.54
C ASN A 34 -14.74 -25.00 26.68
N LEU A 35 -15.37 -23.81 26.62
CA LEU A 35 -16.46 -23.58 25.67
C LEU A 35 -15.90 -23.02 24.37
N LEU A 36 -14.58 -22.83 24.33
CA LEU A 36 -13.91 -22.24 23.17
C LEU A 36 -12.93 -23.19 22.51
N ILE A 37 -13.03 -23.32 21.19
CA ILE A 37 -12.09 -24.11 20.41
C ILE A 37 -11.35 -23.18 19.44
N LEU A 38 -10.02 -23.17 19.50
CA LEU A 38 -9.20 -22.31 18.63
C LEU A 38 -8.67 -23.02 17.36
N GLY A 39 -8.83 -22.39 16.21
CA GLY A 39 -8.32 -22.94 14.95
C GLY A 39 -7.19 -22.14 14.29
N LYS A 40 -7.36 -21.87 12.99
CA LYS A 40 -6.32 -21.23 12.18
C LYS A 40 -6.13 -19.74 12.49
N ILE A 41 -4.92 -19.25 12.27
CA ILE A 41 -4.61 -17.83 12.41
C ILE A 41 -5.20 -17.04 11.23
N LEU A 42 -5.90 -15.95 11.53
CA LEU A 42 -6.40 -15.02 10.50
C LEU A 42 -5.42 -13.87 10.32
N GLY A 43 -4.67 -13.56 11.37
CA GLY A 43 -3.84 -12.37 11.31
C GLY A 43 -2.88 -12.32 12.45
N GLU A 44 -1.77 -11.62 12.22
CA GLU A 44 -0.71 -11.45 13.17
C GLU A 44 -0.41 -9.97 13.35
N GLU A 46 1.56 -8.48 16.01
CA GLU A 46 2.58 -7.59 16.56
C GLU A 46 2.59 -7.69 18.09
N PHE A 47 1.47 -7.31 18.71
CA PHE A 47 1.22 -7.52 20.14
C PHE A 47 -0.02 -8.41 20.32
N GLY A 48 -0.39 -9.11 19.26
CA GLY A 48 -1.54 -10.00 19.29
C GLY A 48 -1.68 -10.89 18.05
N SER A 49 -2.35 -12.01 18.23
CA SER A 49 -2.73 -12.88 17.12
C SER A 49 -4.24 -13.01 17.11
N VAL A 50 -4.83 -13.05 15.92
CA VAL A 50 -6.27 -13.30 15.80
C VAL A 50 -6.53 -14.61 15.08
N MET A 51 -7.34 -15.44 15.73
CA MET A 51 -7.63 -16.78 15.28
C MET A 51 -9.11 -17.00 15.06
N GLU A 52 -9.45 -17.88 14.12
CA GLU A 52 -10.82 -18.38 14.00
C GLU A 52 -11.06 -19.34 15.16
N GLY A 53 -12.31 -19.48 15.60
CA GLY A 53 -12.60 -20.38 16.71
C GLY A 53 -14.03 -20.79 16.66
N ASN A 54 -14.41 -21.73 17.52
CA ASN A 54 -15.83 -22.09 17.71
C ASN A 54 -16.16 -21.80 19.16
N LEU A 55 -17.28 -21.15 19.39
CA LEU A 55 -17.78 -20.97 20.78
C LEU A 55 -19.07 -21.73 20.99
N LYS A 56 -19.08 -22.61 22.00
CA LYS A 56 -20.32 -23.28 22.38
C LYS A 56 -21.19 -22.34 23.19
N GLN A 57 -22.44 -22.20 22.75
CA GLN A 57 -23.36 -21.26 23.33
C GLN A 57 -24.35 -21.93 24.31
N GLU A 58 -24.95 -21.13 25.19
CA GLU A 58 -25.96 -21.62 26.17
C GLU A 58 -27.15 -22.30 25.48
N ASP A 59 -27.38 -21.88 24.24
CA ASP A 59 -28.20 -22.57 23.23
C ASP A 59 -27.94 -24.07 23.08
N GLY A 60 -26.72 -24.50 23.36
CA GLY A 60 -26.24 -25.82 22.96
C GLY A 60 -25.52 -25.79 21.61
N THR A 61 -25.89 -24.86 20.75
CA THR A 61 -25.31 -24.74 19.42
C THR A 61 -23.96 -24.03 19.47
N SER A 62 -23.15 -24.21 18.42
CA SER A 62 -21.81 -23.60 18.35
C SER A 62 -21.74 -22.50 17.29
N LEU A 63 -21.10 -21.38 17.67
CA LEU A 63 -20.96 -20.23 16.77
C LEU A 63 -19.51 -20.01 16.34
N LYS A 64 -19.33 -19.63 15.09
CA LYS A 64 -18.02 -19.27 14.59
C LYS A 64 -17.63 -17.90 15.14
N VAL A 65 -16.45 -17.86 15.75
CA VAL A 65 -15.92 -16.62 16.31
C VAL A 65 -14.52 -16.29 15.80
N ALA A 66 -14.15 -15.02 15.99
CA ALA A 66 -12.76 -14.55 15.87
C ALA A 66 -12.23 -14.20 17.25
N VAL A 67 -11.01 -14.62 17.54
CA VAL A 67 -10.47 -14.50 18.90
C VAL A 67 -9.19 -13.70 18.77
N LYS A 68 -9.10 -12.62 19.56
CA LYS A 68 -7.92 -11.76 19.55
C LYS A 68 -7.32 -11.91 20.91
N THR A 69 -6.03 -12.24 20.97
CA THR A 69 -5.33 -12.32 22.24
C THR A 69 -4.56 -11.04 22.51
N MET A 70 -4.20 -10.84 23.77
CA MET A 70 -3.48 -9.63 24.22
C MET A 70 -2.86 -9.84 25.59
N ASN A 74 1.27 -4.99 33.20
CA ASN A 74 1.55 -5.87 34.33
C ASN A 74 0.49 -6.97 34.51
N SER A 75 0.49 -7.58 35.69
CA SER A 75 -0.50 -8.61 36.03
C SER A 75 -1.36 -8.20 37.23
N SER A 76 -1.36 -6.90 37.53
CA SER A 76 -2.08 -6.33 38.68
C SER A 76 -3.59 -6.63 38.68
N GLN A 77 -4.18 -6.64 39.87
CA GLN A 77 -5.62 -6.81 40.03
C GLN A 77 -6.39 -5.53 39.67
N ARG A 78 -5.72 -4.39 39.82
CA ARG A 78 -6.27 -3.08 39.45
C ARG A 78 -6.37 -2.90 37.94
N GLU A 79 -5.36 -3.40 37.21
CA GLU A 79 -5.31 -3.31 35.76
C GLU A 79 -6.26 -4.32 35.08
N ILE A 80 -6.43 -5.48 35.71
CA ILE A 80 -7.27 -6.54 35.14
C ILE A 80 -8.77 -6.24 35.28
N GLU A 81 -9.15 -5.59 36.38
CA GLU A 81 -10.54 -5.17 36.58
C GLU A 81 -10.92 -4.03 35.62
N GLU A 82 -9.93 -3.22 35.26
CA GLU A 82 -10.11 -2.11 34.33
C GLU A 82 -10.36 -2.63 32.91
N PHE A 83 -9.88 -3.84 32.63
CA PHE A 83 -10.09 -4.52 31.35
C PHE A 83 -11.48 -5.14 31.28
N LEU A 84 -11.84 -5.88 32.33
CA LEU A 84 -13.15 -6.54 32.43
C LEU A 84 -14.31 -5.54 32.41
N SER A 85 -14.14 -4.41 33.10
CA SER A 85 -15.11 -3.32 33.09
C SER A 85 -15.34 -2.80 31.67
N GLU A 86 -14.25 -2.43 31.00
CA GLU A 86 -14.32 -2.03 29.61
C GLU A 86 -15.00 -3.11 28.77
N ALA A 87 -14.65 -4.37 28.97
CA ALA A 87 -15.25 -5.46 28.21
C ALA A 87 -16.74 -5.60 28.45
N ALA A 88 -17.15 -5.50 29.73
CA ALA A 88 -18.57 -5.54 30.14
C ALA A 88 -19.35 -4.42 29.47
N CYS A 89 -18.72 -3.25 29.44
CA CYS A 89 -19.23 -2.10 28.71
C CYS A 89 -19.48 -2.45 27.24
N MET A 90 -18.45 -2.94 26.56
CA MET A 90 -18.59 -3.27 25.13
C MET A 90 -19.59 -4.40 24.86
N LYS A 91 -19.75 -5.32 25.81
CA LYS A 91 -20.70 -6.43 25.61
C LYS A 91 -22.16 -5.91 25.63
N ASP A 92 -22.37 -4.80 26.30
CA ASP A 92 -23.68 -4.17 26.37
C ASP A 92 -24.08 -3.33 25.15
N PHE A 93 -23.15 -3.13 24.22
CA PHE A 93 -23.42 -2.38 22.97
C PHE A 93 -24.29 -3.19 22.03
N SER A 94 -25.43 -2.64 21.63
CA SER A 94 -26.32 -3.42 20.79
C SER A 94 -26.90 -2.58 19.66
N HIS A 95 -26.20 -2.60 18.53
CA HIS A 95 -26.56 -1.78 17.37
C HIS A 95 -26.15 -2.54 16.11
N PRO A 96 -26.98 -2.54 15.05
CA PRO A 96 -26.63 -3.28 13.84
C PRO A 96 -25.32 -2.89 13.15
N ASN A 97 -24.83 -1.67 13.42
CA ASN A 97 -23.62 -1.16 12.80
C ASN A 97 -22.45 -1.09 13.76
N VAL A 98 -22.59 -1.85 14.86
CA VAL A 98 -21.52 -1.99 15.83
C VAL A 98 -21.29 -3.47 16.14
N ILE A 99 -20.05 -3.96 16.00
CA ILE A 99 -19.82 -5.39 16.26
C ILE A 99 -20.02 -5.62 17.79
N ARG A 100 -20.57 -6.80 18.14
N ARG A 100 -20.57 -6.77 18.20
CA ARG A 100 -20.70 -7.16 19.53
CA ARG A 100 -20.82 -6.99 19.64
C ARG A 100 -19.43 -7.80 20.06
C ARG A 100 -19.88 -8.01 20.27
N LEU A 101 -19.20 -7.60 21.34
CA LEU A 101 -18.26 -8.44 22.06
C LEU A 101 -19.08 -9.56 22.71
N LEU A 102 -18.69 -10.81 22.44
CA LEU A 102 -19.41 -11.96 22.98
C LEU A 102 -18.97 -12.22 24.42
N GLY A 103 -17.70 -11.97 24.69
CA GLY A 103 -17.17 -12.15 26.04
C GLY A 103 -15.65 -12.18 26.03
N VAL A 104 -15.04 -12.51 27.15
CA VAL A 104 -13.58 -12.71 27.20
C VAL A 104 -13.25 -14.01 27.89
N CYS A 105 -12.26 -14.73 27.37
CA CYS A 105 -11.69 -15.88 28.07
C CYS A 105 -10.38 -15.43 28.72
N ILE A 106 -10.13 -15.93 29.93
CA ILE A 106 -8.91 -15.60 30.64
C ILE A 106 -8.14 -16.88 30.91
N GLU A 107 -6.96 -17.01 30.31
CA GLU A 107 -6.07 -18.14 30.59
C GLU A 107 -4.91 -17.71 31.45
N LYS A 115 -3.88 -14.95 30.77
CA LYS A 115 -3.76 -14.43 29.40
C LYS A 115 -5.12 -14.24 28.73
N PRO A 116 -5.56 -12.97 28.57
CA PRO A 116 -6.89 -12.62 28.03
C PRO A 116 -7.12 -12.72 26.50
N MET A 117 -8.29 -13.25 26.12
CA MET A 117 -8.70 -13.37 24.72
C MET A 117 -10.08 -12.77 24.55
N VAL A 118 -10.27 -11.89 23.58
CA VAL A 118 -11.60 -11.33 23.41
C VAL A 118 -12.25 -12.03 22.24
N ILE A 119 -13.55 -12.29 22.37
CA ILE A 119 -14.30 -13.21 21.52
C ILE A 119 -15.35 -12.40 20.75
N LEU A 120 -15.24 -12.41 19.44
CA LEU A 120 -16.15 -11.65 18.58
C LEU A 120 -16.80 -12.59 17.58
N PRO A 121 -17.99 -12.25 17.09
CA PRO A 121 -18.57 -13.08 16.02
C PRO A 121 -17.71 -13.06 14.77
N PHE A 122 -17.62 -14.19 14.09
CA PHE A 122 -16.84 -14.30 12.87
C PHE A 122 -17.66 -13.71 11.74
N MET A 123 -17.04 -12.85 10.95
CA MET A 123 -17.72 -12.24 9.82
C MET A 123 -17.15 -12.92 8.59
N LYS A 124 -17.89 -13.85 7.99
CA LYS A 124 -17.38 -14.57 6.81
C LYS A 124 -16.98 -13.67 5.64
N TYR A 125 -17.60 -12.51 5.51
CA TYR A 125 -17.33 -11.66 4.35
C TYR A 125 -16.16 -10.71 4.57
N GLY A 126 -15.63 -10.73 5.79
CA GLY A 126 -14.39 -10.03 6.14
C GLY A 126 -14.55 -8.52 6.22
N ASP A 127 -13.41 -7.82 6.11
CA ASP A 127 -13.33 -6.39 6.31
C ASP A 127 -13.61 -5.63 5.03
N LEU A 128 -14.10 -4.39 5.17
CA LEU A 128 -14.57 -3.59 4.03
C LEU A 128 -13.42 -3.19 3.10
N HIS A 129 -12.23 -2.98 3.66
CA HIS A 129 -11.09 -2.57 2.87
C HIS A 129 -10.72 -3.61 1.80
N THR A 130 -10.53 -4.87 2.22
CA THR A 130 -10.29 -5.96 1.26
C THR A 130 -11.41 -6.10 0.23
N TYR A 131 -12.66 -6.00 0.71
CA TYR A 131 -13.80 -6.08 -0.18
C TYR A 131 -13.70 -5.04 -1.26
N LEU A 132 -13.41 -3.80 -0.86
CA LEU A 132 -13.24 -2.68 -1.81
C LEU A 132 -12.16 -2.96 -2.87
N LEU A 133 -11.01 -3.49 -2.43
CA LEU A 133 -9.95 -3.89 -3.36
C LEU A 133 -10.40 -4.99 -4.32
N TYR A 134 -11.11 -6.00 -3.81
CA TYR A 134 -11.63 -7.10 -4.68
C TYR A 134 -12.59 -6.63 -5.75
N SER A 135 -13.37 -5.58 -5.46
CA SER A 135 -14.39 -5.12 -6.43
C SER A 135 -13.74 -4.61 -7.70
N ARG A 136 -12.43 -4.35 -7.62
N ARG A 136 -12.43 -4.34 -7.65
CA ARG A 136 -11.65 -3.85 -8.74
CA ARG A 136 -11.71 -3.86 -8.83
C ARG A 136 -10.96 -5.01 -9.49
C ARG A 136 -11.08 -5.02 -9.61
N LEU A 137 -11.36 -6.24 -9.19
CA LEU A 137 -10.75 -7.45 -9.76
C LEU A 137 -11.77 -8.54 -10.08
N GLU A 138 -11.60 -9.21 -11.22
CA GLU A 138 -12.42 -10.39 -11.57
C GLU A 138 -12.44 -11.45 -10.45
N THR A 139 -13.52 -12.21 -10.36
CA THR A 139 -13.84 -13.12 -9.23
C THR A 139 -14.19 -12.42 -7.91
N GLY A 140 -14.05 -11.10 -7.87
CA GLY A 140 -14.48 -10.33 -6.71
C GLY A 140 -15.92 -9.89 -6.91
N PRO A 141 -16.47 -9.15 -5.92
CA PRO A 141 -17.83 -8.62 -6.12
C PRO A 141 -17.81 -7.74 -7.37
N LYS A 142 -18.98 -7.41 -7.89
CA LYS A 142 -19.02 -6.59 -9.10
C LYS A 142 -18.53 -5.18 -8.79
N HIS A 143 -18.45 -4.32 -9.82
CA HIS A 143 -18.23 -2.90 -9.61
C HIS A 143 -19.26 -2.36 -8.60
N ILE A 144 -18.81 -1.65 -7.57
CA ILE A 144 -19.72 -1.14 -6.53
C ILE A 144 -20.22 0.25 -6.94
N PRO A 145 -21.55 0.42 -7.21
CA PRO A 145 -22.04 1.73 -7.59
C PRO A 145 -22.02 2.74 -6.46
N LEU A 146 -22.15 4.01 -6.81
CA LEU A 146 -22.09 5.09 -5.83
C LEU A 146 -23.05 4.88 -4.68
N GLN A 147 -24.28 4.46 -4.99
CA GLN A 147 -25.33 4.27 -3.96
C GLN A 147 -24.91 3.26 -2.90
N THR A 148 -24.19 2.22 -3.31
CA THR A 148 -23.66 1.21 -2.36
C THR A 148 -22.51 1.75 -1.50
N LEU A 149 -21.63 2.56 -2.09
CA LEU A 149 -20.49 3.13 -1.33
C LEU A 149 -20.97 4.09 -0.26
N LEU A 150 -21.93 4.94 -0.63
CA LEU A 150 -22.62 5.83 0.30
C LEU A 150 -23.35 5.11 1.42
N LYS A 151 -24.02 3.99 1.10
CA LYS A 151 -24.69 3.16 2.10
C LYS A 151 -23.67 2.59 3.09
N PHE A 152 -22.50 2.13 2.61
CA PHE A 152 -21.41 1.75 3.52
C PHE A 152 -21.03 2.88 4.52
N MET A 153 -20.89 4.09 4.00
CA MET A 153 -20.55 5.28 4.84
C MET A 153 -21.66 5.60 5.86
N VAL A 154 -22.94 5.52 5.43
CA VAL A 154 -24.09 5.63 6.35
C VAL A 154 -24.06 4.57 7.47
N ASP A 155 -23.79 3.31 7.12
CA ASP A 155 -23.68 2.24 8.12
C ASP A 155 -22.64 2.64 9.16
N ILE A 156 -21.48 3.08 8.69
CA ILE A 156 -20.34 3.37 9.60
C ILE A 156 -20.64 4.60 10.46
N ALA A 157 -21.22 5.64 9.84
CA ALA A 157 -21.69 6.84 10.56
C ALA A 157 -22.69 6.51 11.68
N LEU A 158 -23.68 5.67 11.40
CA LEU A 158 -24.63 5.18 12.42
C LEU A 158 -23.97 4.47 13.61
N GLY A 159 -23.02 3.59 13.32
CA GLY A 159 -22.33 2.83 14.34
C GLY A 159 -21.50 3.80 15.14
N MET A 160 -20.87 4.74 14.45
CA MET A 160 -20.08 5.74 15.15
C MET A 160 -20.92 6.72 16.03
N GLU A 161 -22.12 7.04 15.55
CA GLU A 161 -23.09 7.87 16.26
C GLU A 161 -23.53 7.17 17.53
N TYR A 162 -23.79 5.86 17.42
CA TYR A 162 -24.12 5.03 18.57
C TYR A 162 -23.02 5.06 19.61
N LEU A 163 -21.77 4.88 19.18
CA LEU A 163 -20.65 4.89 20.17
C LEU A 163 -20.43 6.25 20.83
N SER A 164 -20.46 7.29 20.00
CA SER A 164 -20.32 8.68 20.43
C SER A 164 -21.39 9.06 21.43
N ASN A 165 -22.62 8.63 21.18
CA ASN A 165 -23.74 8.83 22.12
C ASN A 165 -23.49 8.22 23.50
N ARG A 166 -22.57 7.26 23.57
N ARG A 166 -22.56 7.27 23.55
CA ARG A 166 -22.22 6.59 24.82
CA ARG A 166 -22.21 6.53 24.76
C ARG A 166 -20.82 6.98 25.27
C ARG A 166 -20.83 6.98 25.27
N ASN A 167 -20.30 8.05 24.68
CA ASN A 167 -18.99 8.57 25.01
C ASN A 167 -17.90 7.52 25.00
N PHE A 168 -17.96 6.64 24.01
CA PHE A 168 -16.97 5.59 23.86
C PHE A 168 -16.11 5.97 22.65
N LEU A 169 -14.82 6.20 22.91
CA LEU A 169 -13.91 6.52 21.80
C LEU A 169 -13.50 5.24 21.08
N HIS A 170 -13.45 5.30 19.75
CA HIS A 170 -13.10 4.14 18.95
C HIS A 170 -11.60 4.01 18.88
N ARG A 171 -10.93 5.08 18.46
CA ARG A 171 -9.45 5.19 18.43
C ARG A 171 -8.71 4.38 17.39
N ASP A 172 -9.41 3.73 16.46
CA ASP A 172 -8.71 2.98 15.43
C ASP A 172 -9.64 2.77 14.28
N LEU A 173 -10.37 3.81 13.92
CA LEU A 173 -11.31 3.67 12.78
C LEU A 173 -10.53 3.76 11.46
N ALA A 174 -10.94 2.92 10.49
CA ALA A 174 -10.28 2.76 9.19
C ALA A 174 -11.09 1.65 8.50
N ALA A 175 -11.02 1.58 7.17
CA ALA A 175 -11.91 0.65 6.47
C ALA A 175 -11.51 -0.75 6.85
N ARG A 176 -10.23 -0.98 7.19
CA ARG A 176 -9.82 -2.32 7.56
C ARG A 176 -10.52 -2.80 8.84
N ASN A 177 -11.13 -1.88 9.57
CA ASN A 177 -11.76 -2.19 10.88
C ASN A 177 -13.28 -2.07 10.82
N CYS A 178 -13.78 -2.06 9.59
CA CYS A 178 -15.17 -2.08 9.34
C CYS A 178 -15.47 -3.44 8.71
N MET A 179 -16.35 -4.19 9.37
CA MET A 179 -16.59 -5.56 8.98
C MET A 179 -17.89 -5.65 8.23
N LEU A 180 -17.96 -6.62 7.36
CA LEU A 180 -19.16 -6.87 6.60
C LEU A 180 -19.99 -8.03 7.21
N ARG A 181 -21.24 -7.76 7.59
CA ARG A 181 -22.14 -8.78 8.08
C ARG A 181 -22.62 -9.60 6.89
N ASP A 182 -23.26 -10.74 7.18
CA ASP A 182 -23.70 -11.66 6.14
C ASP A 182 -24.78 -11.07 5.24
N ASP A 183 -25.46 -10.01 5.68
CA ASP A 183 -26.44 -9.32 4.84
C ASP A 183 -25.83 -8.09 4.17
N MET A 184 -24.51 -7.97 4.26
CA MET A 184 -23.73 -6.87 3.70
C MET A 184 -23.92 -5.47 4.34
N THR A 185 -24.50 -5.43 5.54
CA THR A 185 -24.45 -4.21 6.34
C THR A 185 -23.04 -4.10 6.94
N VAL A 186 -22.55 -2.88 7.06
CA VAL A 186 -21.22 -2.67 7.65
C VAL A 186 -21.37 -2.39 9.13
N CYS A 187 -20.46 -2.96 9.93
CA CYS A 187 -20.36 -2.64 11.33
C CYS A 187 -18.94 -2.22 11.71
N VAL A 188 -18.82 -1.28 12.66
CA VAL A 188 -17.51 -0.84 13.13
C VAL A 188 -16.98 -1.83 14.13
N ALA A 189 -15.67 -1.98 14.17
CA ALA A 189 -15.08 -3.01 14.98
C ALA A 189 -13.70 -2.55 15.45
N ASP A 190 -13.10 -3.33 16.33
CA ASP A 190 -11.73 -3.10 16.75
C ASP A 190 -11.51 -1.80 17.52
N PHE A 191 -12.54 -1.42 18.27
CA PHE A 191 -12.52 -0.26 19.15
C PHE A 191 -12.27 -0.72 20.56
N GLY A 192 -11.92 0.23 21.42
CA GLY A 192 -11.70 -0.04 22.84
C GLY A 192 -10.61 -1.05 23.09
N LEU A 193 -10.28 -1.24 24.37
CA LEU A 193 -9.32 -2.26 24.83
C LEU A 193 -7.84 -1.96 24.50
N SER A 194 -7.60 -0.85 23.78
CA SER A 194 -6.23 -0.35 23.50
C SER A 194 -5.42 -1.29 22.60
N MET A 211 0.85 4.61 15.07
CA MET A 211 1.17 3.70 13.96
C MET A 211 0.23 3.75 12.72
N PRO A 212 -1.12 3.83 12.88
CA PRO A 212 -1.85 4.11 11.63
C PRO A 212 -1.86 5.62 11.44
N VAL A 213 -0.66 6.20 11.33
CA VAL A 213 -0.44 7.64 11.29
C VAL A 213 -1.39 8.38 10.38
N LYS A 214 -1.67 7.79 9.22
CA LYS A 214 -2.46 8.46 8.17
C LYS A 214 -3.95 8.55 8.46
N TRP A 215 -4.37 7.98 9.59
CA TRP A 215 -5.74 8.11 10.06
C TRP A 215 -5.88 9.06 11.26
N ILE A 216 -4.73 9.48 11.81
CA ILE A 216 -4.67 10.25 13.07
C ILE A 216 -4.76 11.77 12.89
N ALA A 217 -5.67 12.41 13.64
CA ALA A 217 -6.00 13.82 13.43
C ALA A 217 -4.79 14.70 13.80
N ILE A 218 -4.65 15.90 13.19
CA ILE A 218 -3.45 16.76 13.36
C ILE A 218 -3.20 17.01 14.83
N GLU A 219 -4.27 17.34 15.57
CA GLU A 219 -4.13 17.67 17.00
C GLU A 219 -3.62 16.48 17.83
N SER A 220 -3.94 15.26 17.38
CA SER A 220 -3.53 14.03 18.05
C SER A 220 -2.11 13.62 17.72
N LEU A 221 -1.61 14.02 16.54
CA LEU A 221 -0.19 13.88 16.21
C LEU A 221 0.68 14.82 17.03
N ALA A 222 0.21 16.05 17.19
CA ALA A 222 0.94 17.10 17.89
C ALA A 222 1.08 16.81 19.38
N ASP A 223 -0.02 16.43 20.02
CA ASP A 223 -0.03 16.19 21.46
C ASP A 223 -0.61 14.83 21.80
N ARG A 224 -0.66 14.52 23.10
CA ARG A 224 -1.37 13.33 23.57
C ARG A 224 -2.84 13.72 23.81
N VAL A 225 -3.62 13.74 22.73
CA VAL A 225 -4.97 14.29 22.72
C VAL A 225 -5.82 13.47 21.75
N TYR A 226 -6.84 12.79 22.26
CA TYR A 226 -7.77 12.08 21.38
C TYR A 226 -9.20 12.23 21.89
N THR A 227 -10.08 12.80 21.06
CA THR A 227 -11.47 13.02 21.45
C THR A 227 -12.44 12.46 20.43
N SER A 228 -13.71 12.70 20.63
CA SER A 228 -14.65 12.29 19.55
C SER A 228 -14.32 12.92 18.20
N LYS A 229 -13.77 14.14 18.20
CA LYS A 229 -13.50 14.88 16.95
C LYS A 229 -12.33 14.30 16.19
N SER A 230 -11.45 13.60 16.90
CA SER A 230 -10.39 12.78 16.31
C SER A 230 -10.96 11.53 15.65
N ASP A 231 -11.92 10.87 16.31
CA ASP A 231 -12.66 9.79 15.64
C ASP A 231 -13.29 10.37 14.39
N VAL A 232 -13.83 11.60 14.47
CA VAL A 232 -14.46 12.19 13.23
C VAL A 232 -13.47 12.34 12.09
N TRP A 233 -12.25 12.78 12.40
CA TRP A 233 -11.17 12.90 11.40
C TRP A 233 -10.93 11.57 10.72
N ALA A 234 -10.83 10.53 11.53
CA ALA A 234 -10.56 9.17 11.08
C ALA A 234 -11.67 8.69 10.18
N PHE A 235 -12.89 9.14 10.48
CA PHE A 235 -14.03 8.72 9.71
C PHE A 235 -13.96 9.35 8.32
N GLY A 236 -13.56 10.62 8.25
CA GLY A 236 -13.27 11.24 6.94
C GLY A 236 -12.28 10.47 6.08
N VAL A 237 -11.18 10.03 6.67
CA VAL A 237 -10.16 9.25 5.97
C VAL A 237 -10.87 7.96 5.52
N THR A 238 -11.64 7.34 6.42
CA THR A 238 -12.35 6.07 6.04
C THR A 238 -13.28 6.32 4.88
N MET A 239 -13.99 7.45 4.90
CA MET A 239 -14.86 7.79 3.74
C MET A 239 -14.05 7.90 2.44
N TRP A 240 -12.83 8.42 2.56
CA TRP A 240 -11.97 8.64 1.41
C TRP A 240 -11.50 7.27 0.93
N GLU A 241 -11.09 6.38 1.84
CA GLU A 241 -10.80 5.00 1.46
C GLU A 241 -11.92 4.32 0.68
N ILE A 242 -13.15 4.58 1.06
CA ILE A 242 -14.31 3.93 0.44
C ILE A 242 -14.51 4.51 -0.97
N ALA A 243 -14.45 5.84 -1.08
CA ALA A 243 -14.70 6.48 -2.40
C ALA A 243 -13.54 6.15 -3.36
N THR A 244 -12.32 5.95 -2.86
CA THR A 244 -11.23 5.55 -3.75
C THR A 244 -11.17 4.01 -3.98
N ARG A 245 -12.16 3.28 -3.44
CA ARG A 245 -12.17 1.80 -3.49
C ARG A 245 -10.83 1.19 -3.03
N GLY A 246 -10.32 1.74 -1.95
CA GLY A 246 -9.24 1.14 -1.15
C GLY A 246 -7.84 1.68 -1.30
N MET A 247 -7.67 2.89 -1.86
CA MET A 247 -6.32 3.48 -1.99
C MET A 247 -5.79 3.74 -0.59
N THR A 248 -4.49 3.60 -0.41
CA THR A 248 -3.82 4.08 0.77
C THR A 248 -3.84 5.62 0.79
N PRO A 249 -4.19 6.20 1.97
CA PRO A 249 -4.26 7.64 2.07
C PRO A 249 -2.97 8.32 1.69
N TYR A 250 -3.09 9.52 1.14
CA TYR A 250 -1.98 10.39 0.78
C TYR A 250 -0.85 9.73 -0.04
N PRO A 251 -1.16 9.28 -1.24
CA PRO A 251 -0.09 8.83 -2.11
C PRO A 251 1.04 9.87 -2.25
N GLY A 252 2.28 9.41 -2.22
CA GLY A 252 3.44 10.31 -2.35
C GLY A 252 3.88 10.98 -1.06
N VAL A 253 3.08 10.82 0.01
CA VAL A 253 3.46 11.31 1.33
C VAL A 253 3.84 10.12 2.21
N GLN A 254 4.97 10.22 2.89
CA GLN A 254 5.47 9.16 3.75
C GLN A 254 4.99 9.38 5.16
N ASN A 255 4.82 8.31 5.93
CA ASN A 255 4.25 8.46 7.26
C ASN A 255 4.88 9.53 8.12
N HIS A 256 6.21 9.62 8.10
CA HIS A 256 6.94 10.56 8.97
C HIS A 256 6.81 12.03 8.54
N GLU A 257 6.31 12.25 7.32
CA GLU A 257 6.06 13.58 6.79
C GLU A 257 4.63 14.07 7.09
N MET A 258 3.82 13.21 7.69
CA MET A 258 2.39 13.50 7.76
C MET A 258 2.05 14.77 8.55
N TYR A 259 2.66 14.95 9.72
CA TYR A 259 2.40 16.16 10.52
C TYR A 259 2.74 17.48 9.80
N ASP A 260 3.93 17.54 9.19
CA ASP A 260 4.39 18.72 8.45
C ASP A 260 3.44 18.98 7.30
N TYR A 261 3.03 17.91 6.62
CA TYR A 261 2.11 18.00 5.50
C TYR A 261 0.73 18.57 5.90
N LEU A 262 0.21 18.08 7.02
CA LEU A 262 -1.08 18.53 7.54
C LEU A 262 -0.99 19.94 8.13
N LEU A 263 0.11 20.22 8.81
CA LEU A 263 0.35 21.54 9.37
C LEU A 263 0.36 22.64 8.29
N HIS A 264 0.77 22.30 7.07
CA HIS A 264 0.75 23.24 5.95
C HIS A 264 -0.63 23.39 5.32
N GLY A 265 -1.63 22.70 5.86
CA GLY A 265 -2.98 22.84 5.37
C GLY A 265 -3.37 21.90 4.25
N HIS A 266 -2.47 21.00 3.84
CA HIS A 266 -2.84 20.01 2.81
C HIS A 266 -3.74 18.94 3.38
N ARG A 267 -4.65 18.44 2.55
CA ARG A 267 -5.56 17.38 2.95
C ARG A 267 -5.72 16.40 1.82
N LEU A 268 -6.39 15.27 2.09
CA LEU A 268 -6.66 14.24 1.08
C LEU A 268 -7.36 14.90 -0.12
N LYS A 269 -6.93 14.54 -1.33
CA LYS A 269 -7.44 15.22 -2.54
C LYS A 269 -8.78 14.58 -2.94
N GLN A 270 -9.64 15.35 -3.60
CA GLN A 270 -10.90 14.79 -4.05
C GLN A 270 -10.63 13.67 -5.05
N PRO A 271 -11.21 12.47 -4.82
CA PRO A 271 -11.09 11.40 -5.84
C PRO A 271 -11.70 11.82 -7.16
N GLU A 272 -11.23 11.21 -8.25
CA GLU A 272 -11.50 11.74 -9.59
C GLU A 272 -12.98 11.89 -9.92
N ASP A 273 -13.77 10.86 -9.71
CA ASP A 273 -15.15 11.00 -10.11
C ASP A 273 -16.12 11.06 -8.94
N CYS A 274 -15.66 11.51 -7.78
N CYS A 274 -15.61 11.53 -7.80
CA CYS A 274 -16.56 11.60 -6.66
CA CYS A 274 -16.39 11.78 -6.59
C CYS A 274 -17.22 12.96 -6.52
C CYS A 274 -17.28 13.02 -6.78
N LEU A 275 -18.53 12.94 -6.33
CA LEU A 275 -19.40 14.13 -6.28
C LEU A 275 -18.82 15.19 -5.35
N ASP A 276 -18.92 16.46 -5.74
CA ASP A 276 -18.48 17.59 -4.91
C ASP A 276 -19.14 17.59 -3.54
N GLU A 277 -20.43 17.23 -3.50
CA GLU A 277 -21.19 17.18 -2.24
C GLU A 277 -20.59 16.16 -1.28
N LEU A 278 -20.10 15.06 -1.83
CA LEU A 278 -19.51 13.99 -1.02
C LEU A 278 -18.11 14.43 -0.48
N TYR A 279 -17.33 15.09 -1.33
CA TYR A 279 -16.04 15.61 -0.88
C TYR A 279 -16.16 16.67 0.23
N GLU A 280 -17.17 17.55 0.11
CA GLU A 280 -17.47 18.57 1.14
C GLU A 280 -17.68 17.92 2.54
N ILE A 281 -18.46 16.84 2.57
CA ILE A 281 -18.67 16.07 3.82
C ILE A 281 -17.38 15.51 4.39
N MET A 282 -16.61 14.77 3.58
CA MET A 282 -15.33 14.25 4.09
C MET A 282 -14.34 15.37 4.47
N TYR A 283 -14.33 16.45 3.69
CA TYR A 283 -13.43 17.56 3.95
C TYR A 283 -13.70 18.22 5.31
N SER A 284 -14.99 18.33 5.66
CA SER A 284 -15.37 18.95 6.95
C SER A 284 -14.83 18.14 8.12
N CYS A 285 -14.50 16.86 7.89
CA CYS A 285 -13.95 16.01 8.96
C CYS A 285 -12.51 16.35 9.32
N TRP A 286 -11.84 17.12 8.48
CA TRP A 286 -10.40 17.40 8.68
C TRP A 286 -10.13 18.87 8.96
N ARG A 287 -11.16 19.61 9.41
CA ARG A 287 -10.95 21.03 9.73
C ARG A 287 -9.90 21.08 10.82
N THR A 288 -9.01 22.07 10.78
CA THR A 288 -7.89 22.13 11.73
C THR A 288 -8.37 22.16 13.16
N ASP A 289 -9.31 23.03 13.47
CA ASP A 289 -9.89 23.09 14.82
C ASP A 289 -10.86 21.90 15.02
N PRO A 290 -10.56 20.99 15.97
CA PRO A 290 -11.46 19.87 16.23
C PRO A 290 -12.91 20.35 16.41
N LEU A 291 -13.09 21.51 17.01
CA LEU A 291 -14.41 22.06 17.29
C LEU A 291 -15.21 22.44 16.04
N ASP A 292 -14.55 22.63 14.89
CA ASP A 292 -15.27 23.02 13.66
C ASP A 292 -15.76 21.79 12.93
N ARG A 293 -15.27 20.61 13.33
CA ARG A 293 -15.70 19.34 12.73
C ARG A 293 -17.16 18.98 13.15
N PRO A 294 -17.95 18.41 12.22
CA PRO A 294 -19.31 18.03 12.61
C PRO A 294 -19.30 16.81 13.54
N THR A 295 -20.40 16.64 14.27
CA THR A 295 -20.63 15.44 15.03
C THR A 295 -20.99 14.29 14.08
N PHE A 296 -20.92 13.08 14.59
CA PHE A 296 -21.40 11.92 13.84
C PHE A 296 -22.88 11.99 13.51
N SER A 297 -23.71 12.54 14.40
CA SER A 297 -25.15 12.68 14.10
C SER A 297 -25.38 13.58 12.90
N VAL A 298 -24.58 14.64 12.81
CA VAL A 298 -24.60 15.57 11.68
C VAL A 298 -24.11 14.88 10.40
N LEU A 299 -22.97 14.21 10.48
CA LEU A 299 -22.43 13.49 9.31
C LEU A 299 -23.40 12.47 8.76
N ARG A 300 -24.02 11.71 9.66
CA ARG A 300 -24.86 10.58 9.28
C ARG A 300 -26.06 11.08 8.49
N LEU A 301 -26.67 12.16 8.98
CA LEU A 301 -27.80 12.77 8.26
C LEU A 301 -27.41 13.39 6.90
N GLN A 302 -26.25 14.05 6.83
CA GLN A 302 -25.71 14.57 5.55
C GLN A 302 -25.59 13.47 4.49
N LEU A 303 -25.04 12.33 4.89
CA LEU A 303 -24.86 11.17 4.00
C LEU A 303 -26.18 10.49 3.62
N GLU A 304 -27.11 10.36 4.56
CA GLU A 304 -28.45 9.81 4.25
C GLU A 304 -29.17 10.67 3.21
N LYS A 305 -29.06 11.98 3.38
CA LYS A 305 -29.76 12.92 2.51
C LYS A 305 -29.11 12.97 1.13
N LEU A 306 -27.78 12.85 1.09
CA LEU A 306 -27.04 12.72 -0.18
C LEU A 306 -27.47 11.47 -0.94
N LEU A 307 -27.46 10.33 -0.25
CA LEU A 307 -27.88 9.05 -0.85
C LEU A 307 -29.32 9.11 -1.36
N GLU A 308 -30.20 9.71 -0.55
CA GLU A 308 -31.61 9.85 -0.86
C GLU A 308 -31.82 10.69 -2.12
N SER A 309 -30.91 11.62 -2.38
CA SER A 309 -30.98 12.53 -3.54
C SER A 309 -30.66 11.90 -4.90
N LEU A 310 -29.96 10.76 -4.91
CA LEU A 310 -29.46 10.15 -6.15
C LEU A 310 -30.52 9.37 -6.92
N ASN B 24 42.68 1.55 -12.17
CA ASN B 24 43.11 2.67 -13.04
C ASN B 24 42.24 2.80 -14.29
N LYS B 25 41.88 1.65 -14.86
CA LYS B 25 40.99 1.60 -16.03
C LYS B 25 39.64 2.25 -15.71
N LEU B 26 38.90 1.67 -14.76
CA LEU B 26 37.67 2.24 -14.26
C LEU B 26 37.92 3.45 -13.36
N GLU B 27 38.30 4.57 -13.98
CA GLU B 27 38.36 5.88 -13.30
C GLU B 27 37.45 6.86 -14.04
N ASP B 28 37.22 6.57 -15.33
CA ASP B 28 36.29 7.31 -16.17
C ASP B 28 34.91 7.44 -15.56
N VAL B 29 34.55 6.52 -14.66
CA VAL B 29 33.23 6.53 -14.03
C VAL B 29 33.20 7.34 -12.73
N VAL B 30 34.39 7.65 -12.23
CA VAL B 30 34.51 8.40 -10.99
C VAL B 30 34.35 9.89 -11.23
N ILE B 31 33.49 10.51 -10.43
CA ILE B 31 33.27 11.94 -10.46
C ILE B 31 33.90 12.64 -9.23
N ASP B 32 34.64 13.70 -9.49
CA ASP B 32 35.27 14.49 -8.45
C ASP B 32 34.17 14.97 -7.49
N ARG B 33 34.35 14.73 -6.19
CA ARG B 33 33.35 15.06 -5.17
C ARG B 33 32.87 16.53 -5.17
N ASN B 34 33.75 17.47 -5.50
CA ASN B 34 33.40 18.89 -5.46
C ASN B 34 32.66 19.41 -6.71
N LEU B 35 32.36 18.52 -7.66
CA LEU B 35 31.46 18.84 -8.78
C LEU B 35 30.01 18.48 -8.44
N LEU B 36 29.81 17.99 -7.22
CA LEU B 36 28.52 17.52 -6.75
C LEU B 36 28.09 18.29 -5.50
N ILE B 37 26.84 18.77 -5.50
CA ILE B 37 26.27 19.47 -4.34
C ILE B 37 25.02 18.70 -3.90
N LEU B 38 24.96 18.32 -2.62
CA LEU B 38 23.81 17.55 -2.09
C LEU B 38 22.73 18.42 -1.43
N GLY B 39 21.47 18.13 -1.69
CA GLY B 39 20.37 18.85 -1.04
C GLY B 39 19.52 17.94 -0.16
N LYS B 40 18.20 18.10 -0.24
CA LYS B 40 17.23 17.33 0.58
C LYS B 40 17.30 15.82 0.36
N ILE B 41 17.00 15.08 1.42
CA ILE B 41 16.83 13.64 1.34
C ILE B 41 15.46 13.32 0.71
N LEU B 42 15.45 12.42 -0.27
CA LEU B 42 14.21 11.98 -0.93
C LEU B 42 13.69 10.71 -0.28
N GLY B 43 14.60 9.90 0.25
CA GLY B 43 14.28 8.66 0.96
C GLY B 43 15.46 8.17 1.78
N GLU B 44 15.18 7.42 2.84
CA GLU B 44 16.22 6.88 3.74
C GLU B 44 15.98 5.40 4.02
N GLY B 45 17.08 4.65 4.14
CA GLY B 45 17.02 3.20 4.34
C GLY B 45 18.03 2.68 5.36
N GLU B 46 18.10 1.35 5.50
CA GLU B 46 18.98 0.71 6.48
C GLU B 46 20.41 0.49 5.97
N PHE B 47 20.65 0.89 4.71
CA PHE B 47 21.96 0.74 4.09
C PHE B 47 22.20 1.81 3.00
N GLY B 48 21.20 2.66 2.77
CA GLY B 48 21.30 3.68 1.75
C GLY B 48 20.42 4.90 1.97
N SER B 49 20.85 6.01 1.40
CA SER B 49 20.12 7.27 1.43
C SER B 49 19.96 7.77 -0.01
N VAL B 50 18.89 8.51 -0.28
CA VAL B 50 18.67 9.09 -1.63
C VAL B 50 18.47 10.59 -1.54
N MET B 51 19.30 11.38 -2.23
CA MET B 51 19.24 12.84 -2.14
C MET B 51 19.06 13.49 -3.50
N GLU B 52 18.44 14.67 -3.50
CA GLU B 52 18.46 15.53 -4.68
C GLU B 52 19.84 16.17 -4.66
N GLY B 53 20.37 16.52 -5.82
CA GLY B 53 21.65 17.23 -5.85
C GLY B 53 21.84 17.94 -7.16
N ASN B 54 22.94 18.68 -7.25
CA ASN B 54 23.36 19.32 -8.50
C ASN B 54 24.73 18.75 -8.87
N LEU B 55 24.90 18.41 -10.14
CA LEU B 55 26.19 18.00 -10.70
C LEU B 55 26.69 19.03 -11.72
N LYS B 56 27.90 19.55 -11.51
CA LYS B 56 28.53 20.40 -12.53
C LYS B 56 29.07 19.51 -13.65
N GLN B 57 28.60 19.75 -14.88
CA GLN B 57 29.04 18.92 -15.99
C GLN B 57 30.31 19.43 -16.73
N GLU B 58 30.94 18.55 -17.50
CA GLU B 58 32.12 18.92 -18.35
C GLU B 58 31.83 20.09 -19.30
N ASP B 59 30.57 20.14 -19.74
CA ASP B 59 29.88 21.26 -20.38
C ASP B 59 30.04 22.63 -19.70
N GLY B 60 30.26 22.62 -18.38
CA GLY B 60 30.19 23.81 -17.55
C GLY B 60 28.79 24.09 -17.00
N THR B 61 27.79 23.38 -17.50
CA THR B 61 26.43 23.57 -17.05
C THR B 61 26.16 22.68 -15.84
N SER B 62 25.11 22.97 -15.08
CA SER B 62 24.74 22.14 -13.93
C SER B 62 23.45 21.36 -14.17
N LEU B 63 23.46 20.08 -13.79
CA LEU B 63 22.31 19.17 -13.99
C LEU B 63 21.69 18.72 -12.66
N LYS B 64 20.37 18.66 -12.59
CA LYS B 64 19.71 18.15 -11.39
C LYS B 64 19.87 16.63 -11.34
N VAL B 65 20.39 16.12 -10.22
CA VAL B 65 20.59 14.69 -10.06
C VAL B 65 19.94 14.14 -8.77
N ALA B 66 19.79 12.80 -8.75
CA ALA B 66 19.38 12.01 -7.59
C ALA B 66 20.63 11.22 -7.23
N VAL B 67 20.97 11.20 -5.95
CA VAL B 67 22.21 10.59 -5.50
C VAL B 67 21.86 9.49 -4.50
N LYS B 68 22.34 8.26 -4.75
CA LYS B 68 22.13 7.16 -3.83
C LYS B 68 23.43 6.79 -3.20
N THR B 69 23.43 6.64 -1.88
CA THR B 69 24.62 6.27 -1.13
C THR B 69 24.58 4.79 -0.73
N MET B 70 25.75 4.23 -0.46
CA MET B 70 25.91 2.81 -0.14
C MET B 70 27.32 2.57 0.39
N LYS B 71 27.57 1.35 0.90
CA LYS B 71 28.88 0.95 1.41
C LYS B 71 29.42 -0.28 0.66
N LEU B 72 30.73 -0.32 0.47
CA LEU B 72 31.44 -1.50 0.01
C LEU B 72 31.90 -2.24 1.25
N ASP B 73 31.83 -3.56 1.26
CA ASP B 73 32.17 -4.31 2.48
C ASP B 73 33.65 -4.22 2.88
N ASN B 74 34.51 -3.88 1.92
CA ASN B 74 35.94 -3.74 2.21
C ASN B 74 36.65 -2.84 1.19
N SER B 75 37.87 -2.43 1.55
CA SER B 75 38.65 -1.47 0.76
C SER B 75 39.52 -2.12 -0.34
N SER B 76 39.36 -3.43 -0.57
CA SER B 76 40.21 -4.16 -1.54
C SER B 76 39.99 -3.72 -2.99
N GLN B 77 41.02 -3.94 -3.81
CA GLN B 77 41.00 -3.57 -5.23
C GLN B 77 40.00 -4.42 -6.00
N ARG B 78 39.96 -5.71 -5.68
CA ARG B 78 38.96 -6.62 -6.26
C ARG B 78 37.53 -6.10 -6.01
N GLU B 79 37.29 -5.57 -4.82
CA GLU B 79 35.99 -5.01 -4.42
C GLU B 79 35.71 -3.70 -5.17
N ILE B 80 36.65 -2.76 -5.09
CA ILE B 80 36.61 -1.50 -5.82
C ILE B 80 36.46 -1.72 -7.34
N GLU B 81 37.30 -2.58 -7.93
CA GLU B 81 37.25 -2.84 -9.38
C GLU B 81 35.90 -3.39 -9.82
N GLU B 82 35.32 -4.26 -9.00
CA GLU B 82 34.04 -4.89 -9.29
C GLU B 82 32.90 -3.88 -9.23
N PHE B 83 32.96 -2.96 -8.27
CA PHE B 83 31.97 -1.90 -8.20
C PHE B 83 32.09 -0.96 -9.41
N LEU B 84 33.31 -0.52 -9.69
CA LEU B 84 33.56 0.39 -10.80
C LEU B 84 33.28 -0.21 -12.18
N SER B 85 33.53 -1.52 -12.35
CA SER B 85 33.24 -2.19 -13.63
C SER B 85 31.75 -2.22 -13.91
N GLU B 86 30.97 -2.55 -12.88
CA GLU B 86 29.52 -2.55 -13.01
C GLU B 86 29.01 -1.15 -13.30
N ALA B 87 29.57 -0.17 -12.60
CA ALA B 87 29.20 1.22 -12.85
C ALA B 87 29.55 1.62 -14.28
N ALA B 88 30.71 1.16 -14.77
CA ALA B 88 31.13 1.42 -16.16
C ALA B 88 30.16 0.81 -17.17
N CYS B 89 29.67 -0.42 -16.91
CA CYS B 89 28.64 -1.01 -17.81
C CYS B 89 27.41 -0.16 -17.82
N MET B 90 26.96 0.22 -16.63
CA MET B 90 25.73 0.94 -16.47
C MET B 90 25.83 2.30 -17.14
N LYS B 91 27.01 2.89 -17.06
CA LYS B 91 27.24 4.16 -17.73
C LYS B 91 27.21 4.04 -19.29
N ASP B 92 27.50 2.86 -19.80
CA ASP B 92 27.40 2.60 -21.24
C ASP B 92 25.99 2.25 -21.73
N PHE B 93 25.05 2.06 -20.80
CA PHE B 93 23.65 1.81 -21.19
C PHE B 93 23.00 3.03 -21.83
N SER B 94 22.77 2.95 -23.13
CA SER B 94 22.22 4.08 -23.86
C SER B 94 20.95 3.72 -24.62
N HIS B 95 19.82 3.88 -23.95
CA HIS B 95 18.52 3.52 -24.50
C HIS B 95 17.48 4.45 -23.90
N PRO B 96 16.52 4.92 -24.72
CA PRO B 96 15.49 5.82 -24.18
C PRO B 96 14.70 5.30 -22.97
N ASN B 97 14.57 3.99 -22.86
CA ASN B 97 13.80 3.36 -21.79
C ASN B 97 14.64 2.80 -20.65
N VAL B 98 15.89 3.24 -20.58
CA VAL B 98 16.81 2.80 -19.54
C VAL B 98 17.47 4.05 -18.97
N ILE B 99 17.41 4.22 -17.64
CA ILE B 99 18.05 5.38 -17.03
C ILE B 99 19.57 5.26 -17.11
N ARG B 100 20.26 6.38 -17.30
CA ARG B 100 21.70 6.30 -17.51
C ARG B 100 22.43 6.78 -16.30
N LEU B 101 23.28 5.93 -15.74
CA LEU B 101 24.17 6.39 -14.67
C LEU B 101 25.17 7.41 -15.22
N LEU B 102 25.33 8.52 -14.47
CA LEU B 102 26.22 9.63 -14.81
C LEU B 102 27.63 9.41 -14.30
N GLY B 103 27.73 8.78 -13.13
CA GLY B 103 29.03 8.48 -12.54
C GLY B 103 28.88 8.10 -11.09
N VAL B 104 30.00 7.87 -10.40
CA VAL B 104 29.98 7.61 -8.95
C VAL B 104 30.96 8.53 -8.23
N CYS B 105 30.56 9.12 -7.11
CA CYS B 105 31.54 9.77 -6.23
C CYS B 105 31.87 8.80 -5.13
N ILE B 106 33.10 8.83 -4.64
CA ILE B 106 33.53 7.88 -3.64
C ILE B 106 34.03 8.67 -2.45
N GLU B 107 33.39 8.51 -1.30
CA GLU B 107 33.92 9.06 -0.05
C GLU B 107 34.40 7.93 0.84
N MET B 108 35.09 8.26 1.92
CA MET B 108 35.63 7.24 2.82
C MET B 108 34.80 7.14 4.10
N SER B 109 34.72 5.92 4.65
CA SER B 109 34.15 5.72 5.96
C SER B 109 35.11 6.30 6.99
N SER B 110 34.58 6.77 8.11
CA SER B 110 35.41 7.22 9.24
C SER B 110 36.35 6.12 9.75
N GLN B 111 35.99 4.87 9.47
CA GLN B 111 36.87 3.73 9.75
C GLN B 111 37.74 3.36 8.54
N GLY B 112 37.31 3.76 7.34
CA GLY B 112 38.12 3.57 6.13
C GLY B 112 37.58 2.66 5.03
N ILE B 113 36.24 2.55 4.94
CA ILE B 113 35.61 1.73 3.89
C ILE B 113 34.85 2.60 2.88
N PRO B 114 35.17 2.45 1.59
CA PRO B 114 34.53 3.25 0.53
C PRO B 114 33.01 3.35 0.67
N LYS B 115 32.51 4.59 0.50
CA LYS B 115 31.08 4.88 0.54
C LYS B 115 30.70 5.53 -0.79
N PRO B 116 30.51 4.70 -1.83
CA PRO B 116 30.12 5.26 -3.11
C PRO B 116 28.79 6.01 -3.04
N MET B 117 28.62 6.92 -3.98
CA MET B 117 27.39 7.66 -4.16
C MET B 117 27.18 7.58 -5.64
N VAL B 118 26.09 6.95 -6.04
CA VAL B 118 25.88 6.78 -7.47
C VAL B 118 24.95 7.89 -7.95
N ILE B 119 25.24 8.43 -9.13
CA ILE B 119 24.65 9.69 -9.63
C ILE B 119 23.78 9.43 -10.84
N LEU B 120 22.51 9.77 -10.70
CA LEU B 120 21.52 9.55 -11.75
C LEU B 120 20.82 10.87 -12.07
N PRO B 121 20.35 11.01 -13.32
CA PRO B 121 19.63 12.24 -13.62
C PRO B 121 18.38 12.30 -12.75
N PHE B 122 18.01 13.49 -12.32
CA PHE B 122 16.78 13.64 -11.55
C PHE B 122 15.62 13.74 -12.53
N MET B 123 14.53 13.02 -12.24
CA MET B 123 13.31 12.99 -13.08
C MET B 123 12.22 13.79 -12.37
N LYS B 124 11.96 15.00 -12.84
CA LYS B 124 11.03 15.86 -12.12
C LYS B 124 9.63 15.27 -12.07
N TYR B 125 9.28 14.38 -13.00
CA TYR B 125 7.95 13.79 -12.96
C TYR B 125 7.89 12.53 -12.08
N GLY B 126 9.03 12.11 -11.55
CA GLY B 126 9.03 11.11 -10.46
C GLY B 126 8.68 9.72 -10.97
N ASP B 127 8.24 8.84 -10.06
CA ASP B 127 8.07 7.44 -10.38
C ASP B 127 6.67 7.15 -10.96
N LEU B 128 6.59 6.11 -11.77
CA LEU B 128 5.33 5.74 -12.42
C LEU B 128 4.23 5.29 -11.43
N HIS B 129 4.62 4.59 -10.37
CA HIS B 129 3.68 4.19 -9.32
C HIS B 129 2.94 5.39 -8.71
N THR B 130 3.67 6.42 -8.29
CA THR B 130 2.97 7.59 -7.74
C THR B 130 2.07 8.25 -8.78
N TYR B 131 2.53 8.29 -10.03
CA TYR B 131 1.81 8.99 -11.08
C TYR B 131 0.45 8.30 -11.30
N LEU B 132 0.48 6.97 -11.37
CA LEU B 132 -0.72 6.13 -11.59
C LEU B 132 -1.78 6.38 -10.49
N LEU B 133 -1.33 6.46 -9.26
CA LEU B 133 -2.21 6.77 -8.17
C LEU B 133 -2.79 8.18 -8.30
N TYR B 134 -1.93 9.17 -8.64
CA TYR B 134 -2.35 10.58 -8.73
C TYR B 134 -3.43 10.70 -9.79
N SER B 135 -3.35 9.82 -10.77
CA SER B 135 -4.30 9.84 -11.89
C SER B 135 -5.74 9.51 -11.45
N ARG B 136 -5.90 8.97 -10.24
N ARG B 136 -5.87 8.98 -10.24
CA ARG B 136 -7.22 8.64 -9.71
CA ARG B 136 -7.17 8.62 -9.67
C ARG B 136 -7.70 9.75 -8.76
C ARG B 136 -7.72 9.76 -8.79
N LEU B 137 -6.96 10.86 -8.71
CA LEU B 137 -7.28 11.99 -7.84
C LEU B 137 -7.31 13.33 -8.59
N GLU B 138 -8.17 14.25 -8.17
CA GLU B 138 -8.17 15.63 -8.66
C GLU B 138 -6.81 16.35 -8.42
N THR B 139 -6.45 17.23 -9.34
CA THR B 139 -5.11 17.88 -9.39
C THR B 139 -4.01 16.96 -9.93
N GLY B 140 -4.36 15.70 -10.23
CA GLY B 140 -3.41 14.78 -10.85
C GLY B 140 -3.52 14.83 -12.36
N PRO B 141 -2.75 13.98 -13.06
CA PRO B 141 -3.02 13.82 -14.49
C PRO B 141 -4.46 13.34 -14.61
N LYS B 142 -5.09 13.48 -15.76
CA LYS B 142 -6.47 13.04 -15.84
C LYS B 142 -6.48 11.51 -15.86
N HIS B 143 -7.66 10.91 -16.06
CA HIS B 143 -7.77 9.48 -16.30
C HIS B 143 -6.80 9.09 -17.43
N ILE B 144 -5.99 8.05 -17.21
CA ILE B 144 -5.04 7.59 -18.21
C ILE B 144 -5.77 6.56 -19.09
N PRO B 145 -5.88 6.82 -20.41
CA PRO B 145 -6.57 5.80 -21.23
C PRO B 145 -5.72 4.57 -21.44
N LEU B 146 -6.38 3.50 -21.87
CA LEU B 146 -5.74 2.22 -22.14
C LEU B 146 -4.48 2.36 -22.99
N GLN B 147 -4.57 3.08 -24.11
CA GLN B 147 -3.45 3.26 -25.05
C GLN B 147 -2.20 3.80 -24.34
N THR B 148 -2.42 4.67 -23.36
CA THR B 148 -1.34 5.26 -22.61
C THR B 148 -0.75 4.27 -21.58
N LEU B 149 -1.62 3.51 -20.91
CA LEU B 149 -1.19 2.42 -20.02
C LEU B 149 -0.36 1.36 -20.76
N LEU B 150 -0.86 0.91 -21.90
CA LEU B 150 -0.10 0.02 -22.81
C LEU B 150 1.23 0.62 -23.25
N LYS B 151 1.24 1.90 -23.58
CA LYS B 151 2.48 2.58 -23.94
C LYS B 151 3.52 2.51 -22.81
N PHE B 152 3.08 2.69 -21.56
CA PHE B 152 4.01 2.57 -20.42
C PHE B 152 4.65 1.18 -20.35
N MET B 153 3.85 0.15 -20.63
CA MET B 153 4.30 -1.23 -20.51
C MET B 153 5.27 -1.51 -21.66
N VAL B 154 4.96 -1.01 -22.87
CA VAL B 154 5.90 -1.06 -24.00
C VAL B 154 7.28 -0.44 -23.68
N ASP B 155 7.28 0.76 -23.05
CA ASP B 155 8.52 1.45 -22.66
C ASP B 155 9.31 0.56 -21.76
N ILE B 156 8.65 -0.04 -20.77
CA ILE B 156 9.33 -0.87 -19.76
C ILE B 156 9.84 -2.17 -20.40
N ALA B 157 9.02 -2.79 -21.26
CA ALA B 157 9.44 -3.95 -22.02
C ALA B 157 10.67 -3.67 -22.90
N LEU B 158 10.67 -2.52 -23.62
CA LEU B 158 11.83 -2.11 -24.44
C LEU B 158 13.08 -1.97 -23.60
N GLY B 159 12.91 -1.33 -22.44
CA GLY B 159 14.05 -1.13 -21.52
C GLY B 159 14.60 -2.43 -20.99
N MET B 160 13.73 -3.35 -20.62
CA MET B 160 14.21 -4.64 -20.08
C MET B 160 14.75 -5.53 -21.19
N GLU B 161 14.22 -5.42 -22.41
CA GLU B 161 14.79 -6.12 -23.61
C GLU B 161 16.24 -5.68 -23.79
N TYR B 162 16.47 -4.38 -23.64
CA TYR B 162 17.81 -3.81 -23.78
C TYR B 162 18.74 -4.40 -22.73
N LEU B 163 18.34 -4.42 -21.45
CA LEU B 163 19.20 -4.99 -20.40
C LEU B 163 19.40 -6.49 -20.57
N SER B 164 18.30 -7.19 -20.85
CA SER B 164 18.31 -8.63 -21.10
C SER B 164 19.30 -8.96 -22.22
N ASN B 165 19.28 -8.18 -23.31
CA ASN B 165 20.22 -8.37 -24.43
C ASN B 165 21.70 -8.23 -23.99
N ARG B 166 21.92 -7.49 -22.92
CA ARG B 166 23.26 -7.28 -22.39
C ARG B 166 23.50 -8.17 -21.19
N ASN B 167 22.59 -9.13 -20.99
CA ASN B 167 22.69 -10.09 -19.89
C ASN B 167 22.86 -9.43 -18.52
N PHE B 168 22.18 -8.30 -18.32
CA PHE B 168 22.25 -7.56 -17.08
C PHE B 168 20.93 -7.73 -16.35
N LEU B 169 20.98 -8.35 -15.18
CA LEU B 169 19.78 -8.61 -14.40
C LEU B 169 19.35 -7.35 -13.66
N HIS B 170 18.03 -7.11 -13.61
CA HIS B 170 17.52 -5.93 -12.94
C HIS B 170 17.40 -6.16 -11.44
N ARG B 171 16.67 -7.22 -11.07
CA ARG B 171 16.53 -7.69 -9.68
C ARG B 171 15.64 -6.84 -8.77
N ASP B 172 15.05 -5.76 -9.29
CA ASP B 172 14.15 -4.94 -8.46
C ASP B 172 13.15 -4.20 -9.31
N LEU B 173 12.61 -4.91 -10.27
CA LEU B 173 11.66 -4.27 -11.13
C LEU B 173 10.30 -4.13 -10.46
N ALA B 174 9.71 -2.92 -10.58
CA ALA B 174 8.40 -2.61 -9.98
C ALA B 174 8.04 -1.21 -10.48
N ALA B 175 6.74 -0.89 -10.49
CA ALA B 175 6.28 0.44 -10.93
C ALA B 175 7.02 1.56 -10.26
N ARG B 176 7.38 1.38 -8.98
N ARG B 176 7.35 1.38 -8.99
CA ARG B 176 8.03 2.45 -8.23
CA ARG B 176 8.02 2.46 -8.28
C ARG B 176 9.53 2.59 -8.56
C ARG B 176 9.38 2.79 -8.89
N ASN B 177 10.01 1.78 -9.51
CA ASN B 177 11.40 1.84 -9.99
C ASN B 177 11.45 2.10 -11.46
N CYS B 178 10.32 2.58 -11.96
CA CYS B 178 10.22 3.02 -13.34
C CYS B 178 9.95 4.51 -13.29
N MET B 179 10.70 5.28 -14.08
CA MET B 179 10.75 6.71 -13.85
C MET B 179 10.15 7.41 -15.02
N LEU B 180 9.57 8.58 -14.79
CA LEU B 180 8.99 9.32 -15.94
C LEU B 180 9.95 10.43 -16.44
N ARG B 181 10.35 10.33 -17.69
CA ARG B 181 11.13 11.37 -18.35
C ARG B 181 10.23 12.60 -18.61
N ASP B 182 10.88 13.74 -18.85
CA ASP B 182 10.21 15.02 -19.08
C ASP B 182 9.24 14.97 -20.25
N ASP B 183 9.43 14.03 -21.17
CA ASP B 183 8.51 13.85 -22.29
C ASP B 183 7.51 12.71 -22.04
N MET B 184 7.48 12.21 -20.78
CA MET B 184 6.55 11.18 -20.33
C MET B 184 6.85 9.75 -20.85
N THR B 185 8.03 9.59 -21.46
CA THR B 185 8.65 8.29 -21.73
C THR B 185 8.99 7.60 -20.43
N VAL B 186 8.66 6.32 -20.31
CA VAL B 186 9.06 5.61 -19.06
C VAL B 186 10.45 4.97 -19.20
N CYS B 187 11.32 5.08 -18.18
CA CYS B 187 12.56 4.37 -18.21
C CYS B 187 12.73 3.51 -16.95
N VAL B 188 13.33 2.34 -17.12
CA VAL B 188 13.49 1.43 -15.99
C VAL B 188 14.66 1.97 -15.22
N ALA B 189 14.64 1.80 -13.91
CA ALA B 189 15.68 2.39 -13.12
C ALA B 189 15.91 1.49 -11.91
N ASP B 190 16.90 1.84 -11.11
CA ASP B 190 17.20 1.16 -9.83
C ASP B 190 17.64 -0.31 -9.93
N PHE B 191 18.31 -0.60 -11.04
CA PHE B 191 18.98 -1.85 -11.27
C PHE B 191 20.47 -1.69 -10.93
N GLY B 192 21.15 -2.80 -10.71
CA GLY B 192 22.61 -2.81 -10.61
C GLY B 192 23.12 -2.32 -9.27
N LEU B 193 24.42 -2.53 -9.04
CA LEU B 193 25.11 -1.97 -7.87
C LEU B 193 24.70 -2.55 -6.50
N PRO B 212 10.97 -6.80 -1.57
CA PRO B 212 9.68 -6.67 -2.28
C PRO B 212 9.11 -8.06 -2.60
N VAL B 213 8.75 -8.80 -1.55
CA VAL B 213 8.31 -10.20 -1.69
C VAL B 213 7.30 -10.44 -2.79
N LYS B 214 6.34 -9.53 -2.93
CA LYS B 214 5.23 -9.68 -3.89
C LYS B 214 5.60 -9.49 -5.35
N TRP B 215 6.85 -9.09 -5.63
CA TRP B 215 7.38 -9.01 -6.96
C TRP B 215 8.34 -10.19 -7.32
N ILE B 216 8.63 -11.05 -6.33
CA ILE B 216 9.68 -12.08 -6.45
C ILE B 216 9.17 -13.44 -6.92
N ALA B 217 9.76 -13.97 -7.99
CA ALA B 217 9.26 -15.16 -8.70
C ALA B 217 9.27 -16.38 -7.77
N ILE B 218 8.35 -17.36 -8.00
CA ILE B 218 8.23 -18.53 -7.09
C ILE B 218 9.58 -19.21 -6.90
N GLU B 219 10.32 -19.44 -7.99
CA GLU B 219 11.59 -20.19 -7.88
C GLU B 219 12.63 -19.41 -7.07
N SER B 220 12.49 -18.08 -7.03
CA SER B 220 13.38 -17.20 -6.27
C SER B 220 13.00 -17.07 -4.80
N LEU B 221 11.73 -17.30 -4.49
CA LEU B 221 11.27 -17.39 -3.09
C LEU B 221 11.83 -18.66 -2.44
N ALA B 222 11.82 -19.75 -3.20
CA ALA B 222 12.22 -21.06 -2.68
C ALA B 222 13.72 -21.23 -2.52
N ASP B 223 14.52 -20.69 -3.44
CA ASP B 223 15.96 -21.01 -3.47
C ASP B 223 16.93 -19.85 -3.69
N ARG B 224 16.42 -18.62 -3.72
CA ARG B 224 17.27 -17.42 -3.89
C ARG B 224 17.83 -17.23 -5.32
N VAL B 225 17.84 -18.34 -6.10
CA VAL B 225 18.02 -18.33 -7.55
C VAL B 225 17.39 -17.08 -8.21
N TYR B 226 18.09 -16.44 -9.14
CA TYR B 226 17.51 -15.31 -9.90
C TYR B 226 18.07 -15.25 -11.32
N THR B 227 17.19 -15.35 -12.33
CA THR B 227 17.58 -15.31 -13.74
C THR B 227 16.83 -14.21 -14.47
N SER B 228 17.03 -14.09 -15.77
CA SER B 228 16.22 -13.14 -16.54
C SER B 228 14.75 -13.50 -16.42
N LYS B 229 14.47 -14.75 -16.11
CA LYS B 229 13.11 -15.25 -16.02
C LYS B 229 12.44 -14.76 -14.74
N SER B 230 13.23 -14.49 -13.72
CA SER B 230 12.73 -13.89 -12.51
C SER B 230 12.39 -12.43 -12.79
N ASP B 231 13.21 -11.75 -13.62
CA ASP B 231 12.89 -10.38 -14.06
C ASP B 231 11.59 -10.39 -14.85
N VAL B 232 11.43 -11.39 -15.71
CA VAL B 232 10.15 -11.50 -16.46
C VAL B 232 8.91 -11.57 -15.54
N TRP B 233 8.97 -12.40 -14.49
CA TRP B 233 7.91 -12.51 -13.45
C TRP B 233 7.60 -11.12 -12.88
N ALA B 234 8.66 -10.41 -12.44
CA ALA B 234 8.50 -9.09 -11.86
C ALA B 234 7.91 -8.09 -12.82
N PHE B 235 8.23 -8.22 -14.10
CA PHE B 235 7.62 -7.40 -15.13
C PHE B 235 6.11 -7.69 -15.22
N GLY B 236 5.72 -8.95 -15.10
CA GLY B 236 4.28 -9.24 -15.03
C GLY B 236 3.60 -8.53 -13.86
N VAL B 237 4.19 -8.58 -12.67
CA VAL B 237 3.60 -7.89 -11.52
C VAL B 237 3.51 -6.37 -11.86
N THR B 238 4.57 -5.82 -12.46
CA THR B 238 4.56 -4.40 -12.91
C THR B 238 3.46 -4.06 -13.91
N MET B 239 3.22 -4.90 -14.92
CA MET B 239 2.07 -4.69 -15.81
C MET B 239 0.78 -4.65 -15.02
N TRP B 240 0.70 -5.46 -13.97
CA TRP B 240 -0.52 -5.56 -13.16
C TRP B 240 -0.67 -4.29 -12.36
N GLU B 241 0.40 -3.81 -11.72
CA GLU B 241 0.37 -2.49 -11.06
C GLU B 241 -0.14 -1.40 -11.99
N ILE B 242 0.25 -1.47 -13.25
CA ILE B 242 -0.03 -0.38 -14.15
C ILE B 242 -1.51 -0.50 -14.53
N ALA B 243 -1.97 -1.73 -14.81
CA ALA B 243 -3.36 -1.89 -15.31
C ALA B 243 -4.36 -1.63 -14.16
N THR B 244 -3.96 -1.84 -12.91
CA THR B 244 -4.85 -1.52 -11.79
C THR B 244 -4.68 -0.09 -11.27
N ARG B 245 -3.82 0.71 -11.93
CA ARG B 245 -3.47 2.08 -11.52
C ARG B 245 -2.96 2.20 -10.10
N GLY B 246 -2.07 1.30 -9.72
CA GLY B 246 -1.32 1.44 -8.49
C GLY B 246 -1.70 0.55 -7.33
N MET B 247 -2.58 -0.44 -7.55
CA MET B 247 -2.94 -1.35 -6.42
C MET B 247 -1.71 -2.13 -5.96
N THR B 248 -1.65 -2.41 -4.67
CA THR B 248 -0.67 -3.31 -4.11
C THR B 248 -1.05 -4.71 -4.61
N PRO B 249 -0.05 -5.46 -5.11
CA PRO B 249 -0.28 -6.82 -5.59
C PRO B 249 -0.89 -7.70 -4.51
N TYR B 250 -1.74 -8.63 -4.91
CA TYR B 250 -2.33 -9.63 -4.00
C TYR B 250 -3.06 -9.05 -2.75
N PRO B 251 -4.10 -8.24 -2.97
CA PRO B 251 -4.90 -7.85 -1.83
C PRO B 251 -5.43 -9.06 -1.04
N GLY B 252 -5.44 -8.92 0.29
CA GLY B 252 -5.90 -9.99 1.15
C GLY B 252 -4.88 -11.09 1.41
N VAL B 253 -3.72 -11.04 0.73
CA VAL B 253 -2.61 -11.96 1.00
C VAL B 253 -1.46 -11.19 1.68
N GLN B 254 -0.92 -11.73 2.77
CA GLN B 254 0.20 -11.11 3.46
C GLN B 254 1.53 -11.63 2.93
N ASN B 255 2.59 -10.83 3.06
CA ASN B 255 3.91 -11.23 2.52
C ASN B 255 4.36 -12.63 2.89
N HIS B 256 4.26 -12.99 4.17
CA HIS B 256 4.70 -14.30 4.66
C HIS B 256 3.90 -15.50 4.11
N GLU B 257 2.74 -15.22 3.50
CA GLU B 257 1.88 -16.25 2.93
C GLU B 257 2.15 -16.46 1.47
N MET B 258 3.03 -15.64 0.90
CA MET B 258 3.13 -15.52 -0.54
C MET B 258 3.63 -16.81 -1.21
N TYR B 259 4.66 -17.42 -0.64
CA TYR B 259 5.21 -18.67 -1.21
C TYR B 259 4.13 -19.76 -1.32
N ASP B 260 3.43 -20.01 -0.22
CA ASP B 260 2.37 -21.01 -0.17
C ASP B 260 1.21 -20.67 -1.09
N TYR B 261 0.84 -19.39 -1.19
CA TYR B 261 -0.20 -18.94 -2.10
C TYR B 261 0.16 -19.26 -3.54
N LEU B 262 1.43 -19.02 -3.90
CA LEU B 262 1.91 -19.23 -5.27
C LEU B 262 2.14 -20.71 -5.55
N LEU B 263 2.67 -21.42 -4.57
CA LEU B 263 2.89 -22.85 -4.69
C LEU B 263 1.60 -23.60 -4.98
N HIS B 264 0.48 -23.07 -4.46
CA HIS B 264 -0.84 -23.63 -4.74
C HIS B 264 -1.41 -23.24 -6.12
N GLY B 265 -0.62 -22.51 -6.90
CA GLY B 265 -1.02 -22.15 -8.26
C GLY B 265 -1.83 -20.88 -8.40
N HIS B 266 -2.04 -20.16 -7.29
CA HIS B 266 -2.77 -18.88 -7.35
C HIS B 266 -1.89 -17.79 -7.93
N ARG B 267 -2.51 -16.88 -8.67
CA ARG B 267 -1.78 -15.77 -9.28
C ARG B 267 -2.62 -14.51 -9.18
N LEU B 268 -2.03 -13.35 -9.51
CA LEU B 268 -2.78 -12.09 -9.56
C LEU B 268 -4.03 -12.20 -10.41
N LYS B 269 -5.13 -11.65 -9.92
CA LYS B 269 -6.41 -11.76 -10.61
C LYS B 269 -6.51 -10.76 -11.77
N GLN B 270 -7.26 -11.08 -12.80
CA GLN B 270 -7.40 -10.13 -13.87
C GLN B 270 -8.10 -8.89 -13.37
N PRO B 271 -7.50 -7.70 -13.60
CA PRO B 271 -8.21 -6.45 -13.26
C PRO B 271 -9.56 -6.35 -13.98
N GLU B 272 -10.51 -5.66 -13.33
CA GLU B 272 -11.90 -5.63 -13.79
C GLU B 272 -12.08 -5.20 -15.26
N ASP B 273 -11.50 -4.07 -15.64
CA ASP B 273 -11.81 -3.50 -16.97
C ASP B 273 -10.74 -3.84 -18.02
N CYS B 274 -9.86 -4.78 -17.66
N CYS B 274 -9.85 -4.78 -17.69
CA CYS B 274 -8.69 -5.20 -18.44
CA CYS B 274 -8.71 -5.03 -18.54
C CYS B 274 -9.05 -6.17 -19.57
C CYS B 274 -8.87 -6.18 -19.53
N LEU B 275 -8.58 -5.87 -20.79
CA LEU B 275 -8.71 -6.78 -21.93
C LEU B 275 -8.11 -8.13 -21.67
N ASP B 276 -8.84 -9.18 -22.04
CA ASP B 276 -8.36 -10.58 -21.90
C ASP B 276 -6.97 -10.78 -22.50
N GLU B 277 -6.75 -10.17 -23.66
CA GLU B 277 -5.48 -10.26 -24.38
C GLU B 277 -4.32 -9.71 -23.54
N LEU B 278 -4.57 -8.63 -22.81
CA LEU B 278 -3.56 -8.05 -21.94
C LEU B 278 -3.31 -8.93 -20.73
N TYR B 279 -4.37 -9.44 -20.12
CA TYR B 279 -4.21 -10.40 -19.02
C TYR B 279 -3.42 -11.66 -19.40
N GLU B 280 -3.65 -12.21 -20.60
CA GLU B 280 -2.87 -13.36 -21.12
C GLU B 280 -1.37 -13.07 -21.16
N ILE B 281 -1.02 -11.85 -21.60
CA ILE B 281 0.38 -11.42 -21.63
C ILE B 281 0.98 -11.40 -20.22
N MET B 282 0.34 -10.71 -19.27
CA MET B 282 0.91 -10.72 -17.92
C MET B 282 0.91 -12.11 -17.23
N TYR B 283 -0.12 -12.92 -17.48
CA TYR B 283 -0.21 -14.25 -16.90
C TYR B 283 0.94 -15.14 -17.35
N SER B 284 1.33 -15.05 -18.63
CA SER B 284 2.45 -15.84 -19.16
C SER B 284 3.73 -15.55 -18.38
N CYS B 285 3.84 -14.36 -17.78
CA CYS B 285 5.02 -14.02 -16.96
C CYS B 285 5.12 -14.82 -15.67
N TRP B 286 4.02 -15.44 -15.24
CA TRP B 286 4.02 -16.10 -13.94
C TRP B 286 3.92 -17.64 -14.06
N ARG B 287 4.29 -18.20 -15.20
CA ARG B 287 4.30 -19.66 -15.34
C ARG B 287 5.27 -20.27 -14.34
N THR B 288 4.91 -21.43 -13.84
CA THR B 288 5.63 -22.01 -12.69
C THR B 288 7.04 -22.31 -13.11
N ASP B 289 7.18 -22.99 -14.25
CA ASP B 289 8.51 -23.27 -14.85
C ASP B 289 9.06 -21.99 -15.50
N PRO B 290 10.18 -21.44 -14.98
CA PRO B 290 10.79 -20.25 -15.60
C PRO B 290 10.93 -20.37 -17.12
N LEU B 291 11.32 -21.55 -17.61
CA LEU B 291 11.55 -21.76 -19.04
C LEU B 291 10.30 -21.62 -19.90
N ASP B 292 9.11 -21.64 -19.28
CA ASP B 292 7.84 -21.45 -20.03
C ASP B 292 7.49 -19.98 -20.18
N ARG B 293 8.19 -19.11 -19.42
CA ARG B 293 7.98 -17.66 -19.48
C ARG B 293 8.57 -17.09 -20.78
N PRO B 294 7.85 -16.14 -21.43
CA PRO B 294 8.41 -15.51 -22.64
C PRO B 294 9.68 -14.71 -22.29
N THR B 295 10.53 -14.47 -23.30
CA THR B 295 11.61 -13.51 -23.19
C THR B 295 11.06 -12.09 -23.17
N PHE B 296 11.87 -11.13 -22.76
CA PHE B 296 11.43 -9.74 -22.95
C PHE B 296 11.24 -9.33 -24.40
N SER B 297 11.96 -9.92 -25.36
CA SER B 297 11.73 -9.56 -26.79
C SER B 297 10.39 -10.06 -27.31
N VAL B 298 9.94 -11.21 -26.79
CA VAL B 298 8.60 -11.74 -27.09
C VAL B 298 7.49 -10.85 -26.51
N LEU B 299 7.65 -10.53 -25.23
CA LEU B 299 6.70 -9.69 -24.47
C LEU B 299 6.59 -8.33 -25.13
N ARG B 300 7.72 -7.74 -25.51
CA ARG B 300 7.72 -6.36 -26.01
C ARG B 300 6.93 -6.32 -27.30
N LEU B 301 7.15 -7.31 -28.15
CA LEU B 301 6.41 -7.41 -29.43
C LEU B 301 4.90 -7.68 -29.23
N GLN B 302 4.56 -8.54 -28.26
CA GLN B 302 3.16 -8.80 -27.92
C GLN B 302 2.45 -7.51 -27.51
N LEU B 303 3.10 -6.69 -26.66
CA LEU B 303 2.49 -5.41 -26.20
C LEU B 303 2.37 -4.37 -27.33
N GLU B 304 3.41 -4.27 -28.15
CA GLU B 304 3.38 -3.40 -29.34
C GLU B 304 2.22 -3.75 -30.26
N LYS B 305 2.07 -5.04 -30.52
CA LYS B 305 1.04 -5.52 -31.41
C LYS B 305 -0.34 -5.25 -30.81
N LEU B 306 -0.49 -5.47 -29.49
CA LEU B 306 -1.75 -5.15 -28.85
C LEU B 306 -2.06 -3.67 -28.92
N LEU B 307 -1.08 -2.82 -28.64
CA LEU B 307 -1.31 -1.37 -28.69
C LEU B 307 -1.67 -0.89 -30.11
N GLU B 308 -1.00 -1.44 -31.13
CA GLU B 308 -1.29 -1.07 -32.52
C GLU B 308 -2.69 -1.49 -33.00
N SER B 309 -3.28 -2.47 -32.32
N SER B 309 -3.30 -2.47 -32.34
CA SER B 309 -4.62 -2.98 -32.64
CA SER B 309 -4.65 -2.93 -32.69
C SER B 309 -5.71 -2.00 -32.18
C SER B 309 -5.73 -1.98 -32.18
N LEU B 310 -5.40 -1.24 -31.13
CA LEU B 310 -6.35 -0.30 -30.53
C LEU B 310 -6.54 0.98 -31.34
N PRO B 311 -7.77 1.52 -31.36
CA PRO B 311 -8.05 2.84 -31.92
C PRO B 311 -7.09 3.91 -31.41
N ASP B 312 -6.82 4.92 -32.23
CA ASP B 312 -5.98 6.04 -31.82
C ASP B 312 -6.82 7.18 -31.26
#